data_2YGJ
# 
_entry.id   2YGJ 
# 
_audit_conform.dict_name       mmcif_pdbx.dic 
_audit_conform.dict_version    5.398 
_audit_conform.dict_location   http://mmcif.pdb.org/dictionaries/ascii/mmcif_pdbx.dic 
# 
loop_
_database_2.database_id 
_database_2.database_code 
_database_2.pdbx_database_accession 
_database_2.pdbx_DOI 
PDB   2YGJ         pdb_00002ygj 10.2210/pdb2ygj/pdb 
PDBE  EBI-48029    ?            ?                   
WWPDB D_1290048029 ?            ?                   
# 
loop_
_pdbx_audit_revision_history.ordinal 
_pdbx_audit_revision_history.data_content_type 
_pdbx_audit_revision_history.major_revision 
_pdbx_audit_revision_history.minor_revision 
_pdbx_audit_revision_history.revision_date 
1 'Structure model' 1 0 2012-04-25 
2 'Structure model' 1 1 2012-05-23 
3 'Structure model' 1 2 2012-10-03 
4 'Structure model' 1 3 2019-05-22 
5 'Structure model' 2 0 2023-11-15 
6 'Structure model' 2 1 2024-11-13 
# 
_pdbx_audit_revision_details.ordinal             1 
_pdbx_audit_revision_details.revision_ordinal    1 
_pdbx_audit_revision_details.data_content_type   'Structure model' 
_pdbx_audit_revision_details.provider            repository 
_pdbx_audit_revision_details.type                'Initial release' 
_pdbx_audit_revision_details.description         ? 
_pdbx_audit_revision_details.details             ? 
# 
loop_
_pdbx_audit_revision_group.ordinal 
_pdbx_audit_revision_group.revision_ordinal 
_pdbx_audit_revision_group.data_content_type 
_pdbx_audit_revision_group.group 
1  2 'Structure model' Other                    
2  3 'Structure model' 'Database references'    
3  4 'Structure model' 'Data collection'        
4  4 'Structure model' 'Derived calculations'   
5  4 'Structure model' Other                    
6  4 'Structure model' 'Refinement description' 
7  5 'Structure model' 'Atomic model'           
8  5 'Structure model' 'Data collection'        
9  5 'Structure model' 'Database references'    
10 5 'Structure model' 'Derived calculations'   
11 5 'Structure model' Other                    
12 6 'Structure model' 'Structure summary'      
# 
loop_
_pdbx_audit_revision_category.ordinal 
_pdbx_audit_revision_category.revision_ordinal 
_pdbx_audit_revision_category.data_content_type 
_pdbx_audit_revision_category.category 
1  4 'Structure model' pdbx_database_proc        
2  4 'Structure model' pdbx_database_status      
3  4 'Structure model' refine                    
4  4 'Structure model' struct_conn               
5  5 'Structure model' atom_site                 
6  5 'Structure model' atom_site_anisotrop       
7  5 'Structure model' chem_comp_atom            
8  5 'Structure model' chem_comp_bond            
9  5 'Structure model' database_2                
10 5 'Structure model' pdbx_database_status      
11 5 'Structure model' pdbx_struct_conn_angle    
12 5 'Structure model' pdbx_validate_rmsd_angle  
13 5 'Structure model' pdbx_validate_torsion     
14 5 'Structure model' struct_conn               
15 5 'Structure model' struct_site               
16 6 'Structure model' pdbx_entry_details        
17 6 'Structure model' pdbx_modification_feature 
# 
loop_
_pdbx_audit_revision_item.ordinal 
_pdbx_audit_revision_item.revision_ordinal 
_pdbx_audit_revision_item.data_content_type 
_pdbx_audit_revision_item.item 
1  4 'Structure model' '_pdbx_database_status.recvd_author_approval' 
2  4 'Structure model' '_refine.pdbx_ls_cross_valid_method'          
3  4 'Structure model' '_struct_conn.pdbx_leaving_atom_flag'         
4  5 'Structure model' '_atom_site.auth_atom_id'                     
5  5 'Structure model' '_atom_site.label_atom_id'                    
6  5 'Structure model' '_atom_site_anisotrop.pdbx_auth_atom_id'      
7  5 'Structure model' '_atom_site_anisotrop.pdbx_label_atom_id'     
8  5 'Structure model' '_database_2.pdbx_DOI'                        
9  5 'Structure model' '_database_2.pdbx_database_accession'         
10 5 'Structure model' '_pdbx_database_status.status_code_sf'        
11 5 'Structure model' '_pdbx_struct_conn_angle.ptnr1_auth_comp_id'  
12 5 'Structure model' '_pdbx_struct_conn_angle.ptnr1_auth_seq_id'   
13 5 'Structure model' '_pdbx_struct_conn_angle.ptnr1_label_asym_id' 
14 5 'Structure model' '_pdbx_struct_conn_angle.ptnr1_label_atom_id' 
15 5 'Structure model' '_pdbx_struct_conn_angle.ptnr1_label_comp_id' 
16 5 'Structure model' '_pdbx_struct_conn_angle.ptnr1_label_seq_id'  
17 5 'Structure model' '_pdbx_struct_conn_angle.ptnr1_symmetry'      
18 5 'Structure model' '_pdbx_struct_conn_angle.ptnr2_auth_seq_id'   
19 5 'Structure model' '_pdbx_struct_conn_angle.ptnr2_label_asym_id' 
20 5 'Structure model' '_pdbx_struct_conn_angle.ptnr2_symmetry'      
21 5 'Structure model' '_pdbx_struct_conn_angle.ptnr3_auth_comp_id'  
22 5 'Structure model' '_pdbx_struct_conn_angle.ptnr3_auth_seq_id'   
23 5 'Structure model' '_pdbx_struct_conn_angle.ptnr3_label_asym_id' 
24 5 'Structure model' '_pdbx_struct_conn_angle.ptnr3_label_atom_id' 
25 5 'Structure model' '_pdbx_struct_conn_angle.ptnr3_label_comp_id' 
26 5 'Structure model' '_pdbx_struct_conn_angle.ptnr3_label_seq_id'  
27 5 'Structure model' '_pdbx_struct_conn_angle.ptnr3_symmetry'      
28 5 'Structure model' '_pdbx_struct_conn_angle.value'               
29 5 'Structure model' '_struct_conn.conn_type_id'                   
30 5 'Structure model' '_struct_conn.id'                             
31 5 'Structure model' '_struct_conn.pdbx_dist_value'                
32 5 'Structure model' '_struct_conn.pdbx_leaving_atom_flag'         
33 5 'Structure model' '_struct_conn.ptnr1_auth_comp_id'             
34 5 'Structure model' '_struct_conn.ptnr1_auth_seq_id'              
35 5 'Structure model' '_struct_conn.ptnr1_label_asym_id'            
36 5 'Structure model' '_struct_conn.ptnr1_label_atom_id'            
37 5 'Structure model' '_struct_conn.ptnr1_label_comp_id'            
38 5 'Structure model' '_struct_conn.ptnr1_label_seq_id'             
39 5 'Structure model' '_struct_conn.ptnr1_symmetry'                 
40 5 'Structure model' '_struct_conn.ptnr2_auth_comp_id'             
41 5 'Structure model' '_struct_conn.ptnr2_auth_seq_id'              
42 5 'Structure model' '_struct_conn.ptnr2_label_asym_id'            
43 5 'Structure model' '_struct_conn.ptnr2_label_atom_id'            
44 5 'Structure model' '_struct_conn.ptnr2_label_comp_id'            
45 5 'Structure model' '_struct_conn.ptnr2_label_seq_id'             
46 5 'Structure model' '_struct_conn.ptnr2_symmetry'                 
47 5 'Structure model' '_struct_site.pdbx_auth_asym_id'              
48 5 'Structure model' '_struct_site.pdbx_auth_comp_id'              
49 5 'Structure model' '_struct_site.pdbx_auth_seq_id'               
# 
_pdbx_database_status.status_code                     REL 
_pdbx_database_status.entry_id                        2YGJ 
_pdbx_database_status.deposit_site                    PDBE 
_pdbx_database_status.process_site                    PDBE 
_pdbx_database_status.SG_entry                        . 
_pdbx_database_status.recvd_initial_deposition_date   2011-04-18 
_pdbx_database_status.pdb_format_compatible           Y 
_pdbx_database_status.status_code_sf                  REL 
_pdbx_database_status.status_code_mr                  ? 
_pdbx_database_status.status_code_cs                  ? 
_pdbx_database_status.methods_development_category    ? 
_pdbx_database_status.status_code_nmr_data            ? 
# 
loop_
_audit_author.name 
_audit_author.pdbx_ordinal 
'Ghazouani, A.' 1 
'Basle, A.'     2 
'Firbank, S.J.' 3 
'Gray, J.'      4 
'Dennison, C.'  5 
# 
_citation.id                        primary 
_citation.title                     
'Variations in Methanobactin Structure Influences Copper Utilization by Methane-Oxidizing Bacteria.' 
_citation.journal_abbrev            Proc.Natl.Acad.Sci.USA 
_citation.journal_volume            109 
_citation.page_first                8400 
_citation.page_last                 ? 
_citation.year                      2012 
_citation.journal_id_ASTM           PNASA6 
_citation.country                   US 
_citation.journal_id_ISSN           0027-8424 
_citation.journal_id_CSD            0040 
_citation.book_publisher            ? 
_citation.pdbx_database_id_PubMed   22582172 
_citation.pdbx_database_id_DOI      10.1073/PNAS.1112921109 
# 
loop_
_citation_author.citation_id 
_citation_author.name 
_citation_author.ordinal 
_citation_author.identifier_ORCID 
primary 'El Ghazouani, A.' 1 ? 
primary 'Basle, A.'        2 ? 
primary 'Gray, J.'         3 ? 
primary 'Graham, D.W.'     4 ? 
primary 'Firbank, S.J.'    5 ? 
primary 'Dennison, C.'     6 ? 
# 
loop_
_entity.id 
_entity.type 
_entity.src_method 
_entity.pdbx_description 
_entity.formula_weight 
_entity.pdbx_number_of_molecules 
_entity.pdbx_ec 
_entity.pdbx_mutation 
_entity.pdbx_fragment 
_entity.details 
1 polymer     nat 'METHANOBACTIN MB4' 912.004 1  ? ? ? ? 
2 non-polymer syn 'COPPER (II) ION'   63.546  1  ? ? ? ? 
3 non-polymer syn 'SODIUM ION'        22.990  2  ? ? ? ? 
4 water       nat water               18.015  13 ? ? ? ? 
# 
_entity_poly.entity_id                      1 
_entity_poly.type                           'polypeptide(L)' 
_entity_poly.nstd_linkage                   no 
_entity_poly.nstd_monomer                   yes 
_entity_poly.pdbx_seq_one_letter_code       '(HM9)AS(HM8)AM' 
_entity_poly.pdbx_seq_one_letter_code_can   XASXAM 
_entity_poly.pdbx_strand_id                 A 
_entity_poly.pdbx_target_identifier         ? 
# 
loop_
_pdbx_entity_nonpoly.entity_id 
_pdbx_entity_nonpoly.name 
_pdbx_entity_nonpoly.comp_id 
2 'COPPER (II) ION' CU  
3 'SODIUM ION'      NA  
4 water             HOH 
# 
loop_
_entity_poly_seq.entity_id 
_entity_poly_seq.num 
_entity_poly_seq.mon_id 
_entity_poly_seq.hetero 
1 1 HM9 n 
1 2 ALA n 
1 3 SER n 
1 4 HM8 n 
1 5 ALA n 
1 6 MET n 
# 
_entity_src_nat.entity_id                  1 
_entity_src_nat.pdbx_src_id                1 
_entity_src_nat.pdbx_alt_source_flag       sample 
_entity_src_nat.pdbx_beg_seq_num           ? 
_entity_src_nat.pdbx_end_seq_num           ? 
_entity_src_nat.common_name                ? 
_entity_src_nat.pdbx_organism_scientific   'METHYLOCYSTIS SP.' 
_entity_src_nat.pdbx_ncbi_taxonomy_id      51782 
_entity_src_nat.genus                      ? 
_entity_src_nat.species                    ? 
_entity_src_nat.strain                     M 
_entity_src_nat.tissue                     ? 
_entity_src_nat.tissue_fraction            ? 
_entity_src_nat.pdbx_secretion             ? 
_entity_src_nat.pdbx_fragment              ? 
_entity_src_nat.pdbx_variant               ? 
_entity_src_nat.pdbx_cell_line             ? 
_entity_src_nat.pdbx_atcc                  ? 
_entity_src_nat.pdbx_cellular_location     ? 
_entity_src_nat.pdbx_organ                 ? 
_entity_src_nat.pdbx_organelle             ? 
_entity_src_nat.pdbx_cell                  ? 
_entity_src_nat.pdbx_plasmid_name          ? 
_entity_src_nat.pdbx_plasmid_details       ? 
_entity_src_nat.details                    ? 
# 
loop_
_chem_comp.id 
_chem_comp.type 
_chem_comp.mon_nstd_flag 
_chem_comp.name 
_chem_comp.pdbx_synonyms 
_chem_comp.formula 
_chem_comp.formula_weight 
ALA 'L-peptide linking' y ALANINE                                                                             ? 'C3 H7 N O2'      
89.093  
CU  non-polymer         . 'COPPER (II) ION'                                                                   ? 'Cu 2'            
63.546  
HM8 'L-peptide linking' . '2-[(1S,2R)-1-amino-2-(sulfooxy)propyl]-5-hydroxy-1,3-oxazole-4-carbothioic O-acid' ? 'C7 H10 N2 O7 S2' 
298.294 
HM9 'L-peptide linking' . '6-(3-CARBAMIMIDAMIDOPROPYL)-3,5-DIHYDROXYPYRAZINE-2-CARBOTHIOIC S-ACID'            ? 'C9 H13 N5 O3 S'  
271.296 
HOH non-polymer         . WATER                                                                               ? 'H2 O'            
18.015  
MET 'L-peptide linking' y METHIONINE                                                                          ? 'C5 H11 N O2 S'   
149.211 
NA  non-polymer         . 'SODIUM ION'                                                                        ? 'Na 1'            
22.990  
SER 'L-peptide linking' y SERINE                                                                              ? 'C3 H7 N O3'      
105.093 
# 
loop_
_pdbx_poly_seq_scheme.asym_id 
_pdbx_poly_seq_scheme.entity_id 
_pdbx_poly_seq_scheme.seq_id 
_pdbx_poly_seq_scheme.mon_id 
_pdbx_poly_seq_scheme.ndb_seq_num 
_pdbx_poly_seq_scheme.pdb_seq_num 
_pdbx_poly_seq_scheme.auth_seq_num 
_pdbx_poly_seq_scheme.pdb_mon_id 
_pdbx_poly_seq_scheme.auth_mon_id 
_pdbx_poly_seq_scheme.pdb_strand_id 
_pdbx_poly_seq_scheme.pdb_ins_code 
_pdbx_poly_seq_scheme.hetero 
A 1 1 HM9 1 1 1 HM9 HM9 A . n 
A 1 2 ALA 2 2 2 ALA ALA A . n 
A 1 3 SER 3 3 3 SER SER A . n 
A 1 4 HM8 4 4 4 HM8 HM8 A . n 
A 1 5 ALA 5 5 5 ALA ALA A . n 
A 1 6 MET 6 6 6 MET MET A . n 
# 
loop_
_pdbx_nonpoly_scheme.asym_id 
_pdbx_nonpoly_scheme.entity_id 
_pdbx_nonpoly_scheme.mon_id 
_pdbx_nonpoly_scheme.ndb_seq_num 
_pdbx_nonpoly_scheme.pdb_seq_num 
_pdbx_nonpoly_scheme.auth_seq_num 
_pdbx_nonpoly_scheme.pdb_mon_id 
_pdbx_nonpoly_scheme.auth_mon_id 
_pdbx_nonpoly_scheme.pdb_strand_id 
_pdbx_nonpoly_scheme.pdb_ins_code 
B 2 CU  1  1007 1007 CU  CU  A . 
C 3 NA  1  1008 1008 NA  NA  A . 
D 3 NA  1  1009 1009 NA  NA  A . 
E 4 HOH 1  2001 2001 HOH HOH A . 
E 4 HOH 2  2002 2002 HOH HOH A . 
E 4 HOH 3  2003 2003 HOH HOH A . 
E 4 HOH 4  2004 2004 HOH HOH A . 
E 4 HOH 5  2005 2005 HOH HOH A . 
E 4 HOH 6  2006 2006 HOH HOH A . 
E 4 HOH 7  2007 2007 HOH HOH A . 
E 4 HOH 8  2008 2008 HOH HOH A . 
E 4 HOH 9  2009 2009 HOH HOH A . 
E 4 HOH 10 2010 2010 HOH HOH A . 
E 4 HOH 11 2011 2011 HOH HOH A . 
E 4 HOH 12 2012 2012 HOH HOH A . 
E 4 HOH 13 2013 2013 HOH HOH A . 
# 
loop_
_software.name 
_software.classification 
_software.version 
_software.citation_id 
_software.pdbx_ordinal 
SHELXL-97 refinement       . ? 1 
XDS       'data reduction' . ? 2 
SCALA     'data scaling'   . ? 3 
SHELXCDE  phasing          . ? 4 
# 
_cell.entry_id           2YGJ 
_cell.length_a           9.060 
_cell.length_b           13.320 
_cell.length_c           42.650 
_cell.angle_alpha        90.00 
_cell.angle_beta         90.00 
_cell.angle_gamma        90.00 
_cell.Z_PDB              4 
_cell.pdbx_unique_axis   ? 
# 
_symmetry.entry_id                         2YGJ 
_symmetry.space_group_name_H-M             'P 21 21 21' 
_symmetry.pdbx_full_space_group_name_H-M   ? 
_symmetry.cell_setting                     ? 
_symmetry.Int_Tables_number                19 
# 
_exptl.entry_id          2YGJ 
_exptl.method            'X-RAY DIFFRACTION' 
_exptl.crystals_number   1 
# 
_exptl_crystal.id                    1 
_exptl_crystal.density_meas          ? 
_exptl_crystal.density_Matthews      3.78 
_exptl_crystal.density_percent_sol   15 
_exptl_crystal.description           NONE 
# 
_exptl_crystal_grow.crystal_id      1 
_exptl_crystal_grow.method          ? 
_exptl_crystal_grow.temp            ? 
_exptl_crystal_grow.temp_details    ? 
_exptl_crystal_grow.pH              7.5 
_exptl_crystal_grow.pdbx_pH_range   ? 
_exptl_crystal_grow.pdbx_details    '0.1 M HEPES PH 7.5, 4.3M NACL.' 
# 
_diffrn.id                     1 
_diffrn.ambient_temp           100 
_diffrn.ambient_temp_details   ? 
_diffrn.crystal_id             1 
# 
_diffrn_detector.diffrn_id              1 
_diffrn_detector.detector               CCD 
_diffrn_detector.type                   'ADSC CCD' 
_diffrn_detector.pdbx_collection_date   2011-02-27 
_diffrn_detector.details                ? 
# 
_diffrn_radiation.diffrn_id                        1 
_diffrn_radiation.wavelength_id                    1 
_diffrn_radiation.pdbx_monochromatic_or_laue_m_l   M 
_diffrn_radiation.monochromator                    ? 
_diffrn_radiation.pdbx_diffrn_protocol             'SINGLE WAVELENGTH' 
_diffrn_radiation.pdbx_scattering_type             x-ray 
# 
_diffrn_radiation_wavelength.id           1 
_diffrn_radiation_wavelength.wavelength   0.8 
_diffrn_radiation_wavelength.wt           1.0 
# 
_diffrn_source.diffrn_id                   1 
_diffrn_source.source                      SYNCHROTRON 
_diffrn_source.type                        'DIAMOND BEAMLINE I02' 
_diffrn_source.pdbx_synchrotron_site       Diamond 
_diffrn_source.pdbx_synchrotron_beamline   I02 
_diffrn_source.pdbx_wavelength             0.8 
_diffrn_source.pdbx_wavelength_list        ? 
# 
_reflns.pdbx_diffrn_id               1 
_reflns.pdbx_ordinal                 1 
_reflns.entry_id                     2YGJ 
_reflns.observed_criterion_sigma_I   2.0 
_reflns.observed_criterion_sigma_F   ? 
_reflns.d_resolution_low             14.22 
_reflns.d_resolution_high            0.80 
_reflns.number_obs                   4702 
_reflns.number_all                   ? 
_reflns.percent_possible_obs         78.3 
_reflns.pdbx_Rmerge_I_obs            0.06 
_reflns.pdbx_Rsym_value              ? 
_reflns.pdbx_netI_over_sigmaI        23.10 
_reflns.B_iso_Wilson_estimate        ? 
_reflns.pdbx_redundancy              7.6 
# 
_reflns_shell.pdbx_diffrn_id         1 
_reflns_shell.pdbx_ordinal           1 
_reflns_shell.d_res_high             0.80 
_reflns_shell.d_res_low              0.84 
_reflns_shell.percent_possible_all   27.8 
_reflns_shell.Rmerge_I_obs           0.45 
_reflns_shell.pdbx_Rsym_value        ? 
_reflns_shell.meanI_over_sigI_obs    3.20 
_reflns_shell.pdbx_redundancy        4.4 
# 
_refine.pdbx_refine_id                           'X-RAY DIFFRACTION' 
_refine.entry_id                                 2YGJ 
_refine.pdbx_diffrn_id                           1 
_refine.pdbx_TLS_residual_ADP_flag               ? 
_refine.ls_number_reflns_obs                     ? 
_refine.ls_number_reflns_all                     4446 
_refine.pdbx_ls_sigma_I                          ? 
_refine.pdbx_ls_sigma_F                          0.0 
_refine.pdbx_data_cutoff_high_absF               ? 
_refine.pdbx_data_cutoff_low_absF                ? 
_refine.pdbx_data_cutoff_high_rms_absF           ? 
_refine.ls_d_res_low                             20.00 
_refine.ls_d_res_high                            0.80 
_refine.ls_percent_reflns_obs                    79.0 
_refine.ls_R_factor_obs                          0.0864 
_refine.ls_R_factor_all                          0.0870 
_refine.ls_R_factor_R_work                       ? 
_refine.ls_R_factor_R_free                       0.1091 
_refine.ls_R_factor_R_free_error                 ? 
_refine.ls_R_factor_R_free_error_details         ? 
_refine.ls_percent_reflns_R_free                 5 
_refine.ls_number_reflns_R_free                  210 
_refine.ls_number_parameters                     708 
_refine.ls_number_restraints                     667 
_refine.occupancy_min                            ? 
_refine.occupancy_max                            ? 
_refine.correlation_coeff_Fo_to_Fc               ? 
_refine.correlation_coeff_Fo_to_Fc_free          ? 
_refine.B_iso_mean                               ? 
_refine.aniso_B[1][1]                            ? 
_refine.aniso_B[2][2]                            ? 
_refine.aniso_B[3][3]                            ? 
_refine.aniso_B[1][2]                            ? 
_refine.aniso_B[1][3]                            ? 
_refine.aniso_B[2][3]                            ? 
_refine.solvent_model_details                    'MOEWS & KRETSINGER' 
_refine.solvent_model_param_ksol                 ? 
_refine.solvent_model_param_bsol                 ? 
_refine.pdbx_solvent_vdw_probe_radii             ? 
_refine.pdbx_solvent_ion_probe_radii             ? 
_refine.pdbx_solvent_shrinkage_radii             ? 
_refine.pdbx_ls_cross_valid_method               'FREE R-VALUE' 
_refine.details                                  ? 
_refine.pdbx_starting_model                      NONE 
_refine.pdbx_method_to_determine_struct          SAD 
_refine.pdbx_isotropic_thermal_model             ? 
_refine.pdbx_stereochemistry_target_values       'ENGH AND HUBER' 
_refine.pdbx_stereochem_target_val_spec_case     ? 
_refine.pdbx_R_Free_selection_details            RANDOM 
_refine.pdbx_overall_ESU_R                       ? 
_refine.pdbx_overall_ESU_R_Free                  ? 
_refine.overall_SU_ML                            ? 
_refine.pdbx_overall_phase_error                 ? 
_refine.overall_SU_B                             ? 
_refine.overall_SU_R_Cruickshank_DPI             ? 
_refine.pdbx_overall_SU_R_free_Cruickshank_DPI   ? 
_refine.pdbx_overall_SU_R_Blow_DPI               ? 
_refine.pdbx_overall_SU_R_free_Blow_DPI          ? 
# 
_refine_analyze.pdbx_refine_id                  'X-RAY DIFFRACTION' 
_refine_analyze.entry_id                        2YGJ 
_refine_analyze.Luzzati_coordinate_error_obs    ? 
_refine_analyze.Luzzati_sigma_a_obs             ? 
_refine_analyze.Luzzati_d_res_low_obs           ? 
_refine_analyze.Luzzati_coordinate_error_free   ? 
_refine_analyze.Luzzati_sigma_a_free            ? 
_refine_analyze.Luzzati_d_res_low_free          ? 
_refine_analyze.number_disordered_residues      3 
_refine_analyze.occupancy_sum_hydrogen          35.00 
_refine_analyze.occupancy_sum_non_hydrogen      73.00 
# 
_refine_hist.pdbx_refine_id                   'X-RAY DIFFRACTION' 
_refine_hist.cycle_id                         LAST 
_refine_hist.pdbx_number_atoms_protein        59 
_refine_hist.pdbx_number_atoms_nucleic_acid   0 
_refine_hist.pdbx_number_atoms_ligand         3 
_refine_hist.number_atoms_solvent             13 
_refine_hist.number_atoms_total               75 
_refine_hist.d_res_high                       0.80 
_refine_hist.d_res_low                        20.00 
# 
loop_
_refine_ls_restr.type 
_refine_ls_restr.dev_ideal 
_refine_ls_restr.dev_ideal_target 
_refine_ls_restr.weight 
_refine_ls_restr.number 
_refine_ls_restr.pdbx_refine_id 
_refine_ls_restr.pdbx_restraint_function 
s_bond_d               0.008 ? ? ? 'X-RAY DIFFRACTION' ? 
s_angle_d              0.000 ? ? ? 'X-RAY DIFFRACTION' ? 
s_similar_dist         0.000 ? ? ? 'X-RAY DIFFRACTION' ? 
s_from_restr_planes    0.000 ? ? ? 'X-RAY DIFFRACTION' ? 
s_zero_chiral_vol      0.000 ? ? ? 'X-RAY DIFFRACTION' ? 
s_non_zero_chiral_vol  0.000 ? ? ? 'X-RAY DIFFRACTION' ? 
s_anti_bump_dis_restr  0.000 ? ? ? 'X-RAY DIFFRACTION' ? 
s_rigid_bond_adp_cmpnt 0.004 ? ? ? 'X-RAY DIFFRACTION' ? 
s_similar_adp_cmpnt    0.015 ? ? ? 'X-RAY DIFFRACTION' ? 
s_approx_iso_adps      0.042 ? ? ? 'X-RAY DIFFRACTION' ? 
# 
_pdbx_refine.pdbx_refine_id                              'X-RAY DIFFRACTION' 
_pdbx_refine.entry_id                                    2YGJ 
_pdbx_refine.R_factor_all_no_cutoff                      0.0870 
_pdbx_refine.R_factor_obs_no_cutoff                      0.0864 
_pdbx_refine.free_R_factor_no_cutoff                     0.1091 
_pdbx_refine.free_R_error_no_cutoff                      ? 
_pdbx_refine.free_R_val_test_set_size_perc_no_cutoff     5 
_pdbx_refine.free_R_val_test_set_ct_no_cutoff            210 
_pdbx_refine.R_factor_all_4sig_cutoff                    0.0752 
_pdbx_refine.R_factor_obs_4sig_cutoff                    0.0958 
_pdbx_refine.free_R_factor_4sig_cutoff                   0.0746 
_pdbx_refine.free_R_val_test_set_size_perc_4sig_cutoff   5 
_pdbx_refine.free_R_val_test_set_ct_4sig_cutoff          192 
_pdbx_refine.number_reflns_obs_4sig_cutoff               3987 
# 
_struct.entry_id                  2YGJ 
_struct.title                     'Methanobactin MB4' 
_struct.pdbx_model_details        ? 
_struct.pdbx_CASP_flag            ? 
_struct.pdbx_model_type_details   ? 
# 
_struct_keywords.entry_id        2YGJ 
_struct_keywords.pdbx_keywords   'METAL TRANSPORT' 
_struct_keywords.text            'METAL TRANSPORT, METHANOTROPHS' 
# 
loop_
_struct_asym.id 
_struct_asym.pdbx_blank_PDB_chainid_flag 
_struct_asym.pdbx_modified 
_struct_asym.entity_id 
_struct_asym.details 
A N N 1 ? 
B N N 2 ? 
C N N 3 ? 
D N N 3 ? 
E N N 4 ? 
# 
_struct_ref.id                         1 
_struct_ref.db_name                    PDB 
_struct_ref.db_code                    2YGJ 
_struct_ref.entity_id                  1 
_struct_ref.pdbx_seq_one_letter_code   ? 
_struct_ref.pdbx_align_begin           ? 
_struct_ref.pdbx_db_accession          2YGJ 
_struct_ref.pdbx_db_isoform            ? 
# 
_struct_ref_seq.align_id                      1 
_struct_ref_seq.ref_id                        1 
_struct_ref_seq.pdbx_PDB_id_code              2YGJ 
_struct_ref_seq.pdbx_strand_id                A 
_struct_ref_seq.seq_align_beg                 1 
_struct_ref_seq.pdbx_seq_align_beg_ins_code   ? 
_struct_ref_seq.seq_align_end                 6 
_struct_ref_seq.pdbx_seq_align_end_ins_code   ? 
_struct_ref_seq.pdbx_db_accession             2YGJ 
_struct_ref_seq.db_align_beg                  1 
_struct_ref_seq.pdbx_db_align_beg_ins_code    ? 
_struct_ref_seq.db_align_end                  6 
_struct_ref_seq.pdbx_db_align_end_ins_code    ? 
_struct_ref_seq.pdbx_auth_seq_align_beg       1 
_struct_ref_seq.pdbx_auth_seq_align_end       6 
# 
_pdbx_struct_assembly.id                   1 
_pdbx_struct_assembly.details              author_and_software_defined_assembly 
_pdbx_struct_assembly.method_details       PISA 
_pdbx_struct_assembly.oligomeric_details   monomeric 
_pdbx_struct_assembly.oligomeric_count     1 
# 
_pdbx_struct_assembly_gen.assembly_id       1 
_pdbx_struct_assembly_gen.oper_expression   1 
_pdbx_struct_assembly_gen.asym_id_list      A,B,C,D,E 
# 
_pdbx_struct_oper_list.id                   1 
_pdbx_struct_oper_list.type                 'identity operation' 
_pdbx_struct_oper_list.name                 1_555 
_pdbx_struct_oper_list.symmetry_operation   x,y,z 
_pdbx_struct_oper_list.matrix[1][1]         1.0000000000 
_pdbx_struct_oper_list.matrix[1][2]         0.0000000000 
_pdbx_struct_oper_list.matrix[1][3]         0.0000000000 
_pdbx_struct_oper_list.vector[1]            0.0000000000 
_pdbx_struct_oper_list.matrix[2][1]         0.0000000000 
_pdbx_struct_oper_list.matrix[2][2]         1.0000000000 
_pdbx_struct_oper_list.matrix[2][3]         0.0000000000 
_pdbx_struct_oper_list.vector[2]            0.0000000000 
_pdbx_struct_oper_list.matrix[3][1]         0.0000000000 
_pdbx_struct_oper_list.matrix[3][2]         0.0000000000 
_pdbx_struct_oper_list.matrix[3][3]         1.0000000000 
_pdbx_struct_oper_list.vector[3]            0.0000000000 
# 
_struct_biol.id   1 
# 
loop_
_struct_conn.id 
_struct_conn.conn_type_id 
_struct_conn.pdbx_leaving_atom_flag 
_struct_conn.pdbx_PDB_id 
_struct_conn.ptnr1_label_asym_id 
_struct_conn.ptnr1_label_comp_id 
_struct_conn.ptnr1_label_seq_id 
_struct_conn.ptnr1_label_atom_id 
_struct_conn.pdbx_ptnr1_label_alt_id 
_struct_conn.pdbx_ptnr1_PDB_ins_code 
_struct_conn.pdbx_ptnr1_standard_comp_id 
_struct_conn.ptnr1_symmetry 
_struct_conn.ptnr2_label_asym_id 
_struct_conn.ptnr2_label_comp_id 
_struct_conn.ptnr2_label_seq_id 
_struct_conn.ptnr2_label_atom_id 
_struct_conn.pdbx_ptnr2_label_alt_id 
_struct_conn.pdbx_ptnr2_PDB_ins_code 
_struct_conn.ptnr1_auth_asym_id 
_struct_conn.ptnr1_auth_comp_id 
_struct_conn.ptnr1_auth_seq_id 
_struct_conn.ptnr2_auth_asym_id 
_struct_conn.ptnr2_auth_comp_id 
_struct_conn.ptnr2_auth_seq_id 
_struct_conn.ptnr2_symmetry 
_struct_conn.pdbx_ptnr3_label_atom_id 
_struct_conn.pdbx_ptnr3_label_seq_id 
_struct_conn.pdbx_ptnr3_label_comp_id 
_struct_conn.pdbx_ptnr3_label_asym_id 
_struct_conn.pdbx_ptnr3_label_alt_id 
_struct_conn.pdbx_ptnr3_PDB_ins_code 
_struct_conn.details 
_struct_conn.pdbx_dist_value 
_struct_conn.pdbx_value_order 
_struct_conn.pdbx_role 
covale1  covale both ? A HM9 1 C   ? ? ? 1_555 A ALA 2 N  ? ? A HM9 1    A ALA 2    1_555 ? ? ? ? ? ? ? 1.331 ? ? 
covale2  covale both ? A SER 3 C   ? ? ? 1_555 A HM8 4 N  ? ? A SER 3    A HM8 4    1_555 ? ? ? ? ? ? ? 1.359 ? ? 
covale3  covale both ? A HM8 4 C   ? ? ? 1_555 A ALA 5 N  ? ? A HM8 4    A ALA 5    1_555 ? ? ? ? ? ? ? 1.345 ? ? 
metalc1  metalc ?    ? A HM9 1 SAE ? ? ? 1_555 B CU  . CU ? ? A HM9 1    A CU  1007 1_555 ? ? ? ? ? ? ? 2.272 ? ? 
metalc2  metalc ?    ? A HM9 1 NAB ? ? ? 1_555 B CU  . CU ? ? A HM9 1    A CU  1007 1_555 ? ? ? ? ? ? ? 2.025 ? ? 
metalc3  metalc ?    ? A HM8 4 NBA ? ? ? 1_555 B CU  . CU ? ? A HM8 4    A CU  1007 1_555 ? ? ? ? ? ? ? 2.030 ? ? 
metalc4  metalc ?    ? A HM8 4 SBG ? ? ? 1_555 B CU  . CU ? ? A HM8 4    A CU  1007 1_555 ? ? ? ? ? ? ? 2.273 ? ? 
metalc5  metalc ?    ? A HM8 4 OBY ? ? ? 1_555 C NA  . NA ? ? A HM8 4    A NA  1008 3_345 ? ? ? ? ? ? ? 2.411 ? ? 
metalc6  metalc ?    ? A HM8 4 OBY ? ? ? 3_355 C NA  . NA ? ? A HM8 4    A NA  1008 1_555 ? ? ? ? ? ? ? 2.411 ? ? 
metalc7  metalc ?    ? A HM8 4 OBZ ? ? ? 1_555 D NA  . NA ? ? A HM8 4    A NA  1009 1_555 ? ? ? ? ? ? ? 2.685 ? ? 
metalc8  metalc ?    ? A MET 6 O   ? ? ? 1_555 C NA  . NA ? ? A MET 6    A NA  1008 1_555 ? ? ? ? ? ? ? 2.350 ? ? 
metalc9  metalc ?    ? A MET 6 O   ? ? ? 3_345 D NA  . NA ? ? A MET 6    A NA  1009 1_555 ? ? ? ? ? ? ? 2.386 ? ? 
metalc10 metalc ?    ? C NA  . NA  ? ? ? 1_555 E HOH . O  ? ? A NA  1008 A HOH 2002 1_455 ? ? ? ? ? ? ? 2.330 ? ? 
metalc11 metalc ?    ? C NA  . NA  ? ? ? 1_555 E HOH . O  ? ? A NA  1008 A HOH 2004 3_345 ? ? ? ? ? ? ? 2.417 ? ? 
metalc12 metalc ?    ? C NA  . NA  ? ? ? 1_555 E HOH . O  ? ? A NA  1008 A HOH 2010 3_355 ? ? ? ? ? ? ? 2.408 ? ? 
metalc13 metalc ?    ? C NA  . NA  ? ? ? 1_555 E HOH . O  ? ? A NA  1008 A HOH 2011 1_555 ? ? ? ? ? ? ? 2.394 ? ? 
metalc14 metalc ?    ? D NA  . NA  ? ? ? 1_555 E HOH . O  ? ? A NA  1009 A HOH 2009 4_445 ? ? ? ? ? ? ? 2.214 ? ? 
metalc15 metalc ?    ? D NA  . NA  ? ? ? 1_555 E HOH . O  ? ? A NA  1009 A HOH 2010 1_555 ? ? ? ? ? ? ? 2.390 ? ? 
metalc16 metalc ?    ? D NA  . NA  ? ? ? 1_555 E HOH . O  ? ? A NA  1009 A HOH 2012 3_345 ? ? ? ? ? ? ? 2.280 ? ? 
metalc17 metalc ?    ? D NA  . NA  ? ? ? 1_555 E HOH . O  ? ? A NA  1009 A HOH 2013 1_555 ? ? ? ? ? ? ? 2.666 ? ? 
# 
loop_
_struct_conn_type.id 
_struct_conn_type.criteria 
_struct_conn_type.reference 
covale ? ? 
metalc ? ? 
# 
loop_
_pdbx_struct_conn_angle.id 
_pdbx_struct_conn_angle.ptnr1_label_atom_id 
_pdbx_struct_conn_angle.ptnr1_label_alt_id 
_pdbx_struct_conn_angle.ptnr1_label_asym_id 
_pdbx_struct_conn_angle.ptnr1_label_comp_id 
_pdbx_struct_conn_angle.ptnr1_label_seq_id 
_pdbx_struct_conn_angle.ptnr1_auth_atom_id 
_pdbx_struct_conn_angle.ptnr1_auth_asym_id 
_pdbx_struct_conn_angle.ptnr1_auth_comp_id 
_pdbx_struct_conn_angle.ptnr1_auth_seq_id 
_pdbx_struct_conn_angle.ptnr1_PDB_ins_code 
_pdbx_struct_conn_angle.ptnr1_symmetry 
_pdbx_struct_conn_angle.ptnr2_label_atom_id 
_pdbx_struct_conn_angle.ptnr2_label_alt_id 
_pdbx_struct_conn_angle.ptnr2_label_asym_id 
_pdbx_struct_conn_angle.ptnr2_label_comp_id 
_pdbx_struct_conn_angle.ptnr2_label_seq_id 
_pdbx_struct_conn_angle.ptnr2_auth_atom_id 
_pdbx_struct_conn_angle.ptnr2_auth_asym_id 
_pdbx_struct_conn_angle.ptnr2_auth_comp_id 
_pdbx_struct_conn_angle.ptnr2_auth_seq_id 
_pdbx_struct_conn_angle.ptnr2_PDB_ins_code 
_pdbx_struct_conn_angle.ptnr2_symmetry 
_pdbx_struct_conn_angle.ptnr3_label_atom_id 
_pdbx_struct_conn_angle.ptnr3_label_alt_id 
_pdbx_struct_conn_angle.ptnr3_label_asym_id 
_pdbx_struct_conn_angle.ptnr3_label_comp_id 
_pdbx_struct_conn_angle.ptnr3_label_seq_id 
_pdbx_struct_conn_angle.ptnr3_auth_atom_id 
_pdbx_struct_conn_angle.ptnr3_auth_asym_id 
_pdbx_struct_conn_angle.ptnr3_auth_comp_id 
_pdbx_struct_conn_angle.ptnr3_auth_seq_id 
_pdbx_struct_conn_angle.ptnr3_PDB_ins_code 
_pdbx_struct_conn_angle.ptnr3_symmetry 
_pdbx_struct_conn_angle.value 
_pdbx_struct_conn_angle.value_esd 
1  SAE ? A HM9 1 ? A HM9 1    ? 1_555 CU ? B CU . ? A CU 1007 ? 1_555 NAB ? A HM9 1 ? A HM9 1    ? 1_555 87.5  ? 
2  SAE ? A HM9 1 ? A HM9 1    ? 1_555 CU ? B CU . ? A CU 1007 ? 1_555 NBA ? A HM8 4 ? A HM8 4    ? 1_555 107.9 ? 
3  NAB ? A HM9 1 ? A HM9 1    ? 1_555 CU ? B CU . ? A CU 1007 ? 1_555 NBA ? A HM8 4 ? A HM8 4    ? 1_555 122.2 ? 
4  SAE ? A HM9 1 ? A HM9 1    ? 1_555 CU ? B CU . ? A CU 1007 ? 1_555 SBG ? A HM8 4 ? A HM8 4    ? 1_555 120.8 ? 
5  NAB ? A HM9 1 ? A HM9 1    ? 1_555 CU ? B CU . ? A CU 1007 ? 1_555 SBG ? A HM8 4 ? A HM8 4    ? 1_555 131.2 ? 
6  NBA ? A HM8 4 ? A HM8 4    ? 1_555 CU ? B CU . ? A CU 1007 ? 1_555 SBG ? A HM8 4 ? A HM8 4    ? 1_555 88.3  ? 
7  OBY ? A HM8 4 ? A HM8 4    ? 1_555 NA ? C NA . ? A NA 1008 ? 3_345 OBY ? A HM8 4 ? A HM8 4    ? 3_355 64.3  ? 
8  OBY ? A HM8 4 ? A HM8 4    ? 1_555 NA ? C NA . ? A NA 1008 ? 3_345 O   ? A MET 6 ? A MET 6    ? 1_555 65.8  ? 
9  OBY ? A HM8 4 ? A HM8 4    ? 3_355 NA ? C NA . ? A NA 1008 ? 3_345 O   ? A MET 6 ? A MET 6    ? 1_555 10.9  ? 
10 OBY ? A HM8 4 ? A HM8 4    ? 1_555 NA ? C NA . ? A NA 1008 ? 3_345 O   ? E HOH . ? A HOH 2002 ? 1_455 75.7  ? 
11 OBY ? A HM8 4 ? A HM8 4    ? 3_355 NA ? C NA . ? A NA 1008 ? 3_345 O   ? E HOH . ? A HOH 2002 ? 1_455 11.5  ? 
12 O   ? A MET 6 ? A MET 6    ? 1_555 NA ? C NA . ? A NA 1008 ? 3_345 O   ? E HOH . ? A HOH 2002 ? 1_455 16.2  ? 
13 OBY ? A HM8 4 ? A HM8 4    ? 1_555 NA ? C NA . ? A NA 1008 ? 3_345 O   ? E HOH . ? A HOH 2004 ? 3_345 76.9  ? 
14 OBY ? A HM8 4 ? A HM8 4    ? 3_355 NA ? C NA . ? A NA 1008 ? 3_345 O   ? E HOH . ? A HOH 2004 ? 3_345 15.1  ? 
15 O   ? A MET 6 ? A MET 6    ? 1_555 NA ? C NA . ? A NA 1008 ? 3_345 O   ? E HOH . ? A HOH 2004 ? 3_345 11.4  ? 
16 O   ? E HOH . ? A HOH 2002 ? 1_455 NA ? C NA . ? A NA 1008 ? 3_345 O   ? E HOH . ? A HOH 2004 ? 3_345 10.5  ? 
17 OBY ? A HM8 4 ? A HM8 4    ? 1_555 NA ? C NA . ? A NA 1008 ? 3_345 O   ? E HOH . ? A HOH 2010 ? 3_355 72.8  ? 
18 OBY ? A HM8 4 ? A HM8 4    ? 3_355 NA ? C NA . ? A NA 1008 ? 3_345 O   ? E HOH . ? A HOH 2010 ? 3_355 11.4  ? 
19 O   ? A MET 6 ? A MET 6    ? 1_555 NA ? C NA . ? A NA 1008 ? 3_345 O   ? E HOH . ? A HOH 2010 ? 3_355 7.8   ? 
20 O   ? E HOH . ? A HOH 2002 ? 1_455 NA ? C NA . ? A NA 1008 ? 3_345 O   ? E HOH . ? A HOH 2010 ? 3_355 10.0  ? 
21 O   ? E HOH . ? A HOH 2004 ? 3_345 NA ? C NA . ? A NA 1008 ? 3_345 O   ? E HOH . ? A HOH 2010 ? 3_355 4.2   ? 
22 OBY ? A HM8 4 ? A HM8 4    ? 1_555 NA ? C NA . ? A NA 1008 ? 3_345 O   ? E HOH . ? A HOH 2011 ? 1_555 68.2  ? 
23 OBY ? A HM8 4 ? A HM8 4    ? 3_355 NA ? C NA . ? A NA 1008 ? 3_345 O   ? E HOH . ? A HOH 2011 ? 1_555 4.2   ? 
24 O   ? A MET 6 ? A MET 6    ? 1_555 NA ? C NA . ? A NA 1008 ? 3_345 O   ? E HOH . ? A HOH 2011 ? 1_555 12.7  ? 
25 O   ? E HOH . ? A HOH 2002 ? 1_455 NA ? C NA . ? A NA 1008 ? 3_345 O   ? E HOH . ? A HOH 2011 ? 1_555 7.5   ? 
26 O   ? E HOH . ? A HOH 2004 ? 3_345 NA ? C NA . ? A NA 1008 ? 3_345 O   ? E HOH . ? A HOH 2011 ? 1_555 13.3  ? 
27 O   ? E HOH . ? A HOH 2010 ? 3_355 NA ? C NA . ? A NA 1008 ? 3_345 O   ? E HOH . ? A HOH 2011 ? 1_555 10.3  ? 
28 OBZ ? A HM8 4 ? A HM8 4    ? 1_555 NA ? D NA . ? A NA 1009 ? 1_555 O   ? A MET 6 ? A MET 6    ? 3_345 95.3  ? 
29 OBZ ? A HM8 4 ? A HM8 4    ? 1_555 NA ? D NA . ? A NA 1009 ? 1_555 O   ? E HOH . ? A HOH 2009 ? 4_445 99.2  ? 
30 O   ? A MET 6 ? A MET 6    ? 3_345 NA ? D NA . ? A NA 1009 ? 1_555 O   ? E HOH . ? A HOH 2009 ? 4_445 163.9 ? 
31 OBZ ? A HM8 4 ? A HM8 4    ? 1_555 NA ? D NA . ? A NA 1009 ? 1_555 O   ? E HOH . ? A HOH 2010 ? 1_555 74.0  ? 
32 O   ? A MET 6 ? A MET 6    ? 3_345 NA ? D NA . ? A NA 1009 ? 1_555 O   ? E HOH . ? A HOH 2010 ? 1_555 87.4  ? 
33 O   ? E HOH . ? A HOH 2009 ? 4_445 NA ? D NA . ? A NA 1009 ? 1_555 O   ? E HOH . ? A HOH 2010 ? 1_555 89.9  ? 
34 OBZ ? A HM8 4 ? A HM8 4    ? 1_555 NA ? D NA . ? A NA 1009 ? 1_555 O   ? E HOH . ? A HOH 2012 ? 3_345 99.9  ? 
35 O   ? A MET 6 ? A MET 6    ? 3_345 NA ? D NA . ? A NA 1009 ? 1_555 O   ? E HOH . ? A HOH 2012 ? 3_345 83.7  ? 
36 O   ? E HOH . ? A HOH 2009 ? 4_445 NA ? D NA . ? A NA 1009 ? 1_555 O   ? E HOH . ? A HOH 2012 ? 3_345 100.6 ? 
37 O   ? E HOH . ? A HOH 2010 ? 1_555 NA ? D NA . ? A NA 1009 ? 1_555 O   ? E HOH . ? A HOH 2012 ? 3_345 168.7 ? 
38 OBZ ? A HM8 4 ? A HM8 4    ? 1_555 NA ? D NA . ? A NA 1009 ? 1_555 O   ? E HOH . ? A HOH 2013 ? 1_555 146.9 ? 
39 O   ? A MET 6 ? A MET 6    ? 3_345 NA ? D NA . ? A NA 1009 ? 1_555 O   ? E HOH . ? A HOH 2013 ? 1_555 71.8  ? 
40 O   ? E HOH . ? A HOH 2009 ? 4_445 NA ? D NA . ? A NA 1009 ? 1_555 O   ? E HOH . ? A HOH 2013 ? 1_555 92.2  ? 
41 O   ? E HOH . ? A HOH 2010 ? 1_555 NA ? D NA . ? A NA 1009 ? 1_555 O   ? E HOH . ? A HOH 2013 ? 1_555 75.0  ? 
42 O   ? E HOH . ? A HOH 2012 ? 3_345 NA ? D NA . ? A NA 1009 ? 1_555 O   ? E HOH . ? A HOH 2013 ? 1_555 108.5 ? 
# 
loop_
_pdbx_modification_feature.ordinal 
_pdbx_modification_feature.label_comp_id 
_pdbx_modification_feature.label_asym_id 
_pdbx_modification_feature.label_seq_id 
_pdbx_modification_feature.label_alt_id 
_pdbx_modification_feature.modified_residue_label_comp_id 
_pdbx_modification_feature.modified_residue_label_asym_id 
_pdbx_modification_feature.modified_residue_label_seq_id 
_pdbx_modification_feature.modified_residue_label_alt_id 
_pdbx_modification_feature.auth_comp_id 
_pdbx_modification_feature.auth_asym_id 
_pdbx_modification_feature.auth_seq_id 
_pdbx_modification_feature.PDB_ins_code 
_pdbx_modification_feature.symmetry 
_pdbx_modification_feature.modified_residue_auth_comp_id 
_pdbx_modification_feature.modified_residue_auth_asym_id 
_pdbx_modification_feature.modified_residue_auth_seq_id 
_pdbx_modification_feature.modified_residue_PDB_ins_code 
_pdbx_modification_feature.modified_residue_symmetry 
_pdbx_modification_feature.comp_id_linking_atom 
_pdbx_modification_feature.modified_residue_id_linking_atom 
_pdbx_modification_feature.modified_residue_id 
_pdbx_modification_feature.ref_pcm_id 
_pdbx_modification_feature.ref_comp_id 
_pdbx_modification_feature.type 
_pdbx_modification_feature.category 
1 HM9 A 1 ? . . . . HM9 A 1 ? 1_555 . . . . . . . ? 1 HM9 None 'Non-standard residue' 
2 HM8 A 4 ? . . . . HM8 A 4 ? 1_555 . . . . . . . ? 1 HM8 None 'Non-standard residue' 
# 
loop_
_struct_site.id 
_struct_site.pdbx_evidence_code 
_struct_site.pdbx_auth_asym_id 
_struct_site.pdbx_auth_comp_id 
_struct_site.pdbx_auth_seq_id 
_struct_site.pdbx_auth_ins_code 
_struct_site.pdbx_num_residues 
_struct_site.details 
AC1 Software A CU 1007 ? 2 'BINDING SITE FOR RESIDUE CU A 1007' 
AC2 Software A NA 1008 ? 7 'BINDING SITE FOR RESIDUE NA A 1008' 
AC3 Software A NA 1009 ? 7 'BINDING SITE FOR RESIDUE NA A 1009' 
# 
loop_
_struct_site_gen.id 
_struct_site_gen.site_id 
_struct_site_gen.pdbx_num_res 
_struct_site_gen.label_comp_id 
_struct_site_gen.label_asym_id 
_struct_site_gen.label_seq_id 
_struct_site_gen.pdbx_auth_ins_code 
_struct_site_gen.auth_comp_id 
_struct_site_gen.auth_asym_id 
_struct_site_gen.auth_seq_id 
_struct_site_gen.label_atom_id 
_struct_site_gen.label_alt_id 
_struct_site_gen.symmetry 
_struct_site_gen.details 
1  AC1 2 HM9 A 1 ? HM9 A 1    . ? 1_555 ? 
2  AC1 2 HM8 A 4 ? HM8 A 4    . ? 1_555 ? 
3  AC2 7 HM8 A 4 ? HM8 A 4    . ? 3_355 ? 
4  AC2 7 MET A 6 ? MET A 6    . ? 1_555 ? 
5  AC2 7 NA  D . ? NA  A 1009 . ? 3_355 ? 
6  AC2 7 HOH E . ? HOH A 2002 . ? 1_455 ? 
7  AC2 7 HOH E . ? HOH A 2004 . ? 3_345 ? 
8  AC2 7 HOH E . ? HOH A 2010 . ? 3_355 ? 
9  AC2 7 HOH E . ? HOH A 2011 . ? 1_555 ? 
10 AC3 7 HM8 A 4 ? HM8 A 4    . ? 1_555 ? 
11 AC3 7 MET A 6 ? MET A 6    . ? 3_345 ? 
12 AC3 7 NA  C . ? NA  A 1008 . ? 3_345 ? 
13 AC3 7 HOH E . ? HOH A 2009 . ? 4_445 ? 
14 AC3 7 HOH E . ? HOH A 2010 . ? 1_555 ? 
15 AC3 7 HOH E . ? HOH A 2012 . ? 3_345 ? 
16 AC3 7 HOH E . ? HOH A 2013 . ? 1_555 ? 
# 
_pdbx_entry_details.entry_id                   2YGJ 
_pdbx_entry_details.compound_details           ? 
_pdbx_entry_details.source_details             ? 
_pdbx_entry_details.nonpolymer_details         ? 
_pdbx_entry_details.sequence_details           ? 
_pdbx_entry_details.has_ligand_of_interest     ? 
_pdbx_entry_details.has_protein_modification   Y 
# 
loop_
_pdbx_validate_rmsd_angle.id 
_pdbx_validate_rmsd_angle.PDB_model_num 
_pdbx_validate_rmsd_angle.auth_atom_id_1 
_pdbx_validate_rmsd_angle.auth_asym_id_1 
_pdbx_validate_rmsd_angle.auth_comp_id_1 
_pdbx_validate_rmsd_angle.auth_seq_id_1 
_pdbx_validate_rmsd_angle.PDB_ins_code_1 
_pdbx_validate_rmsd_angle.label_alt_id_1 
_pdbx_validate_rmsd_angle.auth_atom_id_2 
_pdbx_validate_rmsd_angle.auth_asym_id_2 
_pdbx_validate_rmsd_angle.auth_comp_id_2 
_pdbx_validate_rmsd_angle.auth_seq_id_2 
_pdbx_validate_rmsd_angle.PDB_ins_code_2 
_pdbx_validate_rmsd_angle.label_alt_id_2 
_pdbx_validate_rmsd_angle.auth_atom_id_3 
_pdbx_validate_rmsd_angle.auth_asym_id_3 
_pdbx_validate_rmsd_angle.auth_comp_id_3 
_pdbx_validate_rmsd_angle.auth_seq_id_3 
_pdbx_validate_rmsd_angle.PDB_ins_code_3 
_pdbx_validate_rmsd_angle.label_alt_id_3 
_pdbx_validate_rmsd_angle.angle_value 
_pdbx_validate_rmsd_angle.angle_target_value 
_pdbx_validate_rmsd_angle.angle_deviation 
_pdbx_validate_rmsd_angle.angle_standard_deviation 
_pdbx_validate_rmsd_angle.linker_flag 
1 1 N  A SER 3 ? ? CA A SER 3 ? B CB A SER 3 ? B 101.38 110.50 -9.12 1.50 N 
2 1 CA A HM8 4 ? ? C  A HM8 4 ? ? N  A ALA 5 ? ? 138.69 117.20 21.49 2.20 Y 
# 
loop_
_pdbx_validate_torsion.id 
_pdbx_validate_torsion.PDB_model_num 
_pdbx_validate_torsion.auth_comp_id 
_pdbx_validate_torsion.auth_asym_id 
_pdbx_validate_torsion.auth_seq_id 
_pdbx_validate_torsion.PDB_ins_code 
_pdbx_validate_torsion.label_alt_id 
_pdbx_validate_torsion.phi 
_pdbx_validate_torsion.psi 
1 1 SER A 3 ? ? -140.28 45.44  
2 1 HM8 A 4 ? ? -165.11 118.65 
# 
loop_
_chem_comp_atom.comp_id 
_chem_comp_atom.atom_id 
_chem_comp_atom.type_symbol 
_chem_comp_atom.pdbx_aromatic_flag 
_chem_comp_atom.pdbx_stereo_config 
_chem_comp_atom.pdbx_ordinal 
ALA N    N  N N 1   
ALA CA   C  N S 2   
ALA C    C  N N 3   
ALA O    O  N N 4   
ALA CB   C  N N 5   
ALA OXT  O  N N 6   
ALA H    H  N N 7   
ALA H2   H  N N 8   
ALA HA   H  N N 9   
ALA HB1  H  N N 10  
ALA HB2  H  N N 11  
ALA HB3  H  N N 12  
ALA HXT  H  N N 13  
CU  CU   CU N N 14  
HM8 N    N  N N 15  
HM8 CA   C  N S 16  
HM8 CAV  C  N R 17  
HM8 CAW  C  N N 18  
HM8 OBW  O  N N 19  
HM8 SBV  S  N N 20  
HM8 OBZ  O  N N 21  
HM8 OBY  O  N N 22  
HM8 OBX  O  N N 23  
HM8 CAZ  C  Y N 24  
HM8 NBA  N  Y N 25  
HM8 OBB  O  Y N 26  
HM8 CBC  C  Y N 27  
HM8 OBD  O  N N 28  
HM8 CAB  C  Y N 29  
HM8 C    C  N N 30  
HM8 SBG  S  N N 31  
HM8 OXT  O  N N 32  
HM8 H    H  N N 33  
HM8 H2   H  N N 34  
HM8 HA   H  N N 35  
HM8 HAV  H  N N 36  
HM8 HAW1 H  N N 37  
HM8 HAW2 H  N N 38  
HM8 HAW3 H  N N 39  
HM8 HBX  H  N N 40  
HM8 HBD  H  N N 41  
HM8 HXT  H  N N 42  
HM9 C    C  N N 43  
HM9 SAE  S  N N 44  
HM9 CAC  C  Y N 45  
HM9 NAB  N  Y N 46  
HM9 CAF  C  Y N 47  
HM9 OAG  O  N N 48  
HM9 NAH  N  Y N 49  
HM9 CAI  C  Y N 50  
HM9 OAJ  O  N N 51  
HM9 CAA  C  Y N 52  
HM9 CBW  C  N N 53  
HM9 CBX  C  N N 54  
HM9 CBY  C  N N 55  
HM9 NBZ  N  N N 56  
HM9 CCA  C  N N 57  
HM9 NCC  N  N N 58  
HM9 NCB  N  N N 59  
HM9 OXT  O  N N 60  
HM9 HAE  H  N N 61  
HM9 HAG  H  N N 62  
HM9 HAJ  H  N N 63  
HM9 HBW1 H  N N 64  
HM9 HBW2 H  N N 65  
HM9 HBX1 H  N N 66  
HM9 HBX2 H  N N 67  
HM9 HBY1 H  N N 68  
HM9 HBY2 H  N N 69  
HM9 HBZ  H  N N 70  
HM9 HCC  H  N N 71  
HM9 HCB1 H  N N 72  
HM9 HCB2 H  N N 73  
HOH O    O  N N 74  
HOH H1   H  N N 75  
HOH H2   H  N N 76  
MET N    N  N N 77  
MET CA   C  N S 78  
MET C    C  N N 79  
MET O    O  N N 80  
MET CB   C  N N 81  
MET CG   C  N N 82  
MET SD   S  N N 83  
MET CE   C  N N 84  
MET OXT  O  N N 85  
MET H    H  N N 86  
MET H2   H  N N 87  
MET HA   H  N N 88  
MET HB2  H  N N 89  
MET HB3  H  N N 90  
MET HG2  H  N N 91  
MET HG3  H  N N 92  
MET HE1  H  N N 93  
MET HE2  H  N N 94  
MET HE3  H  N N 95  
MET HXT  H  N N 96  
NA  NA   NA N N 97  
SER N    N  N N 98  
SER CA   C  N S 99  
SER C    C  N N 100 
SER O    O  N N 101 
SER CB   C  N N 102 
SER OG   O  N N 103 
SER OXT  O  N N 104 
SER H    H  N N 105 
SER H2   H  N N 106 
SER HA   H  N N 107 
SER HB2  H  N N 108 
SER HB3  H  N N 109 
SER HG   H  N N 110 
SER HXT  H  N N 111 
# 
loop_
_chem_comp_bond.comp_id 
_chem_comp_bond.atom_id_1 
_chem_comp_bond.atom_id_2 
_chem_comp_bond.value_order 
_chem_comp_bond.pdbx_aromatic_flag 
_chem_comp_bond.pdbx_stereo_config 
_chem_comp_bond.pdbx_ordinal 
ALA N   CA   sing N N 1   
ALA N   H    sing N N 2   
ALA N   H2   sing N N 3   
ALA CA  C    sing N N 4   
ALA CA  CB   sing N N 5   
ALA CA  HA   sing N N 6   
ALA C   O    doub N N 7   
ALA C   OXT  sing N N 8   
ALA CB  HB1  sing N N 9   
ALA CB  HB2  sing N N 10  
ALA CB  HB3  sing N N 11  
ALA OXT HXT  sing N N 12  
HM8 N   CA   sing N N 13  
HM8 CA  CAV  sing N N 14  
HM8 CA  CAZ  sing N N 15  
HM8 CAV CAW  sing N N 16  
HM8 CAV OBW  sing N N 17  
HM8 OBW SBV  sing N N 18  
HM8 SBV OBZ  doub N N 19  
HM8 SBV OBY  doub N N 20  
HM8 SBV OBX  sing N N 21  
HM8 CAZ NBA  doub Y N 22  
HM8 CAZ OBB  sing Y N 23  
HM8 NBA CAB  sing Y N 24  
HM8 OBB CBC  sing Y N 25  
HM8 CBC OBD  sing N N 26  
HM8 CBC CAB  doub Y N 27  
HM8 CAB C    sing N N 28  
HM8 C   SBG  doub N N 29  
HM8 C   OXT  sing N N 30  
HM8 N   H    sing N N 31  
HM8 N   H2   sing N N 32  
HM8 CA  HA   sing N N 33  
HM8 CAV HAV  sing N N 34  
HM8 CAW HAW1 sing N N 35  
HM8 CAW HAW2 sing N N 36  
HM8 CAW HAW3 sing N N 37  
HM8 OBX HBX  sing N N 38  
HM8 OBD HBD  sing N N 39  
HM8 OXT HXT  sing N N 40  
HM9 C   SAE  sing N N 41  
HM9 C   CAC  sing N N 42  
HM9 C   OXT  doub N N 43  
HM9 CAC NAB  doub Y N 44  
HM9 CAC CAF  sing Y N 45  
HM9 NAB CAA  sing Y N 46  
HM9 CAF OAG  sing N N 47  
HM9 CAF NAH  doub Y N 48  
HM9 NAH CAI  sing Y N 49  
HM9 CAI OAJ  sing N N 50  
HM9 CAI CAA  doub Y N 51  
HM9 CAA CBW  sing N N 52  
HM9 CBW CBX  sing N N 53  
HM9 CBX CBY  sing N N 54  
HM9 CBY NBZ  sing N N 55  
HM9 NBZ CCA  sing N N 56  
HM9 CCA NCC  doub N N 57  
HM9 CCA NCB  sing N N 58  
HM9 SAE HAE  sing N N 59  
HM9 OAG HAG  sing N N 60  
HM9 OAJ HAJ  sing N N 61  
HM9 CBW HBW1 sing N N 62  
HM9 CBW HBW2 sing N N 63  
HM9 CBX HBX1 sing N N 64  
HM9 CBX HBX2 sing N N 65  
HM9 CBY HBY1 sing N N 66  
HM9 CBY HBY2 sing N N 67  
HM9 NBZ HBZ  sing N N 68  
HM9 NCC HCC  sing N N 69  
HM9 NCB HCB1 sing N N 70  
HM9 NCB HCB2 sing N N 71  
HOH O   H1   sing N N 72  
HOH O   H2   sing N N 73  
MET N   CA   sing N N 74  
MET N   H    sing N N 75  
MET N   H2   sing N N 76  
MET CA  C    sing N N 77  
MET CA  CB   sing N N 78  
MET CA  HA   sing N N 79  
MET C   O    doub N N 80  
MET C   OXT  sing N N 81  
MET CB  CG   sing N N 82  
MET CB  HB2  sing N N 83  
MET CB  HB3  sing N N 84  
MET CG  SD   sing N N 85  
MET CG  HG2  sing N N 86  
MET CG  HG3  sing N N 87  
MET SD  CE   sing N N 88  
MET CE  HE1  sing N N 89  
MET CE  HE2  sing N N 90  
MET CE  HE3  sing N N 91  
MET OXT HXT  sing N N 92  
SER N   CA   sing N N 93  
SER N   H    sing N N 94  
SER N   H2   sing N N 95  
SER CA  C    sing N N 96  
SER CA  CB   sing N N 97  
SER CA  HA   sing N N 98  
SER C   O    doub N N 99  
SER C   OXT  sing N N 100 
SER CB  OG   sing N N 101 
SER CB  HB2  sing N N 102 
SER CB  HB3  sing N N 103 
SER OG  HG   sing N N 104 
SER OXT HXT  sing N N 105 
# 
_atom_sites.entry_id                    2YGJ 
_atom_sites.fract_transf_matrix[1][1]   0.08845471 
_atom_sites.fract_transf_matrix[1][2]   -0.03489427 
_atom_sites.fract_transf_matrix[1][3]   -0.05604279 
_atom_sites.fract_transf_matrix[2][1]   0.01851626 
_atom_sites.fract_transf_matrix[2][2]   -0.04494772 
_atom_sites.fract_transf_matrix[2][3]   0.05721107 
_atom_sites.fract_transf_matrix[3][1]   -0.01277648 
_atom_sites.fract_transf_matrix[3][2]   -0.01725557 
_atom_sites.fract_transf_matrix[3][3]   -0.00942171 
_atom_sites.fract_transf_vector[1]      -0.765763 
_atom_sites.fract_transf_vector[2]      0.200000 
_atom_sites.fract_transf_vector[3]      0.160807 
# 
loop_
_atom_type.symbol 
C  
CU 
N  
NA 
O  
S  
# 
loop_
_atom_site.group_PDB 
_atom_site.id 
_atom_site.type_symbol 
_atom_site.label_atom_id 
_atom_site.label_alt_id 
_atom_site.label_comp_id 
_atom_site.label_asym_id 
_atom_site.label_entity_id 
_atom_site.label_seq_id 
_atom_site.pdbx_PDB_ins_code 
_atom_site.Cartn_x 
_atom_site.Cartn_y 
_atom_site.Cartn_z 
_atom_site.occupancy 
_atom_site.B_iso_or_equiv 
_atom_site.pdbx_formal_charge 
_atom_site.auth_seq_id 
_atom_site.auth_comp_id 
_atom_site.auth_asym_id 
_atom_site.auth_atom_id 
_atom_site.pdbx_PDB_model_num 
HETATM 1  C  C   . HM9 A 1 1 ? 3.083  0.373  -1.570 1.00 4.18  ? 1    HM9 A C   1 
HETATM 2  S  SAE . HM9 A 1 1 ? 2.124  -0.519 -0.485 1.00 4.16  ? 1    HM9 A SAE 1 
HETATM 3  C  CAC . HM9 A 1 1 ? 2.585  0.818  -2.855 1.00 4.16  ? 1    HM9 A CAC 1 
HETATM 4  N  NAB . HM9 A 1 1 ? 1.272  0.504  -3.148 1.00 3.91  ? 1    HM9 A NAB 1 
HETATM 5  C  CAF . HM9 A 1 1 ? 3.338  1.610  -3.716 1.00 4.23  ? 1    HM9 A CAF 1 
HETATM 6  O  OAG . HM9 A 1 1 ? 4.545  1.982  -3.554 1.00 4.33  ? 1    HM9 A OAG 1 
HETATM 7  N  NAH . HM9 A 1 1 ? 2.725  1.995  -4.904 1.00 4.24  ? 1    HM9 A NAH 1 
HETATM 8  C  CAI . HM9 A 1 1 ? 1.449  1.683  -5.204 1.00 4.16  ? 1    HM9 A CAI 1 
HETATM 9  O  OAJ . HM9 A 1 1 ? 0.963  2.142  -6.307 1.00 4.55  ? 1    HM9 A OAJ 1 
HETATM 10 C  CAA . HM9 A 1 1 ? 0.681  0.923  -4.283 1.00 3.82  ? 1    HM9 A CAA 1 
HETATM 11 C  CBW . HM9 A 1 1 ? -0.721 0.567  -4.561 1.00 4.04  ? 1    HM9 A CBW 1 
HETATM 12 C  CBX . HM9 A 1 1 ? -0.914 -0.756 -5.351 1.00 4.07  ? 1    HM9 A CBX 1 
HETATM 13 C  CBY . HM9 A 1 1 ? -2.381 -1.117 -5.414 1.00 4.44  ? 1    HM9 A CBY 1 
HETATM 14 N  NBZ . HM9 A 1 1 ? -2.679 -2.295 -6.240 1.00 4.82  ? 1    HM9 A NBZ 1 
HETATM 15 C  CCA . HM9 A 1 1 ? -2.550 -3.557 -5.797 1.00 4.51  ? 1    HM9 A CCA 1 
HETATM 16 N  NCC . HM9 A 1 1 ? -2.075 -3.836 -4.583 1.00 5.29  ? 1    HM9 A NCC 1 
HETATM 17 N  NCB . HM9 A 1 1 ? -2.948 -4.568 -6.561 1.00 4.94  ? 1    HM9 A NCB 1 
ATOM   18 N  N   . ALA A 1 2 ? 4.302  0.754  -1.195 1.00 4.39  ? 2    ALA A N   1 
ATOM   19 C  CA  . ALA A 1 2 ? 4.882  0.423  0.067  1.00 4.76  ? 2    ALA A CA  1 
ATOM   20 C  C   . ALA A 1 2 ? 4.230  1.159  1.228  1.00 4.88  ? 2    ALA A C   1 
ATOM   21 O  O   . ALA A 1 2 ? 4.420  0.692  2.373  1.00 7.04  ? 2    ALA A O   1 
ATOM   22 C  CB  . ALA A 1 2 ? 6.381  0.722  0.080  1.00 5.96  ? 2    ALA A CB  1 
ATOM   23 N  N   . SER A 1 3 ? 3.475  2.237  0.981  1.00 4.67  ? 3    SER A N   1 
ATOM   24 C  CA  A SER A 1 3 ? 2.836  3.101  1.961  0.57 4.91  ? 3    SER A CA  1 
ATOM   25 C  CA  B SER A 1 3 ? 2.757  2.887  2.069  0.43 5.58  ? 3    SER A CA  1 
ATOM   26 C  C   . SER A 1 3 ? 1.386  3.314  1.595  1.00 4.55  ? 3    SER A C   1 
ATOM   27 O  O   . SER A 1 3 ? 0.831  4.332  1.980  1.00 5.28  ? 3    SER A O   1 
ATOM   28 C  CB  A SER A 1 3 ? 3.566  4.416  2.287  0.57 7.56  ? 3    SER A CB  1 
ATOM   29 C  CB  B SER A 1 3 ? 3.540  4.201  2.207  0.43 6.67  ? 3    SER A CB  1 
ATOM   30 O  OG  A SER A 1 3 ? 4.922  4.061  2.491  0.57 7.80  ? 3    SER A OG  1 
ATOM   31 O  OG  B SER A 1 3 ? 3.616  5.203  1.206  0.43 9.11  ? 3    SER A OG  1 
HETATM 32 N  N   . HM8 A 1 4 ? 0.742  2.352  0.883  1.00 4.02  ? 4    HM8 A N   1 
HETATM 33 C  CA  . HM8 A 1 4 ? -0.520 2.634  0.226  1.00 4.38  ? 4    HM8 A CA  1 
HETATM 34 C  CAV . HM8 A 1 4 ? -0.243 3.196  -1.223 1.00 4.32  ? 4    HM8 A CAV 1 
HETATM 35 C  CAW . HM8 A 1 4 ? -1.443 3.429  -2.039 1.00 4.72  ? 4    HM8 A CAW 1 
HETATM 36 O  OBW . HM8 A 1 4 ? 0.428  4.442  -0.999 1.00 5.06  ? 4    HM8 A OBW 1 
HETATM 37 S  SBV . HM8 A 1 4 ? 1.751  4.730  -1.865 1.00 6.24  ? 4    HM8 A SBV 1 
HETATM 38 O  OBZ . HM8 A 1 4 ? 1.997  6.090  -1.477 1.00 9.75  ? 4    HM8 A OBZ 1 
HETATM 39 O  OBY . HM8 A 1 4 ? 1.419  4.531  -3.226 1.00 6.50  ? 4    HM8 A OBY 1 
HETATM 40 O  OBX . HM8 A 1 4 ? 2.754  3.803  -1.413 1.00 7.72  ? 4    HM8 A OBX 1 
HETATM 41 C  CAZ . HM8 A 1 4 ? -1.392 1.438  0.138  1.00 4.12  ? 4    HM8 A CAZ 1 
HETATM 42 N  NBA . HM8 A 1 4 ? -1.231 0.395  -0.635 1.00 4.16  ? 4    HM8 A NBA 1 
HETATM 43 O  OBB . HM8 A 1 4 ? -2.481 1.364  0.932  1.00 4.78  ? 4    HM8 A OBB 1 
HETATM 44 C  CBC . HM8 A 1 4 ? -3.125 0.156  0.639  1.00 4.76  ? 4    HM8 A CBC 1 
HETATM 45 O  OBD . HM8 A 1 4 ? -4.115 -0.232 1.246  1.00 6.84  ? 4    HM8 A OBD 1 
HETATM 46 C  CAB . HM8 A 1 4 ? -2.313 -0.460 -0.353 1.00 4.37  ? 4    HM8 A CAB 1 
HETATM 47 C  C   . HM8 A 1 4 ? -2.378 -1.743 -0.903 1.00 3.98  ? 4    HM8 A C   1 
HETATM 48 S  SBG . HM8 A 1 4 ? -1.099 -2.338 -1.872 1.00 3.94  ? 4    HM8 A SBG 1 
ATOM   49 N  N   . ALA A 1 5 ? -3.465 -2.482 -0.621 1.00 5.24  ? 5    ALA A N   1 
ATOM   50 C  CA  . ALA A 1 5 ? -3.607 -3.906 -0.959 1.00 4.52  ? 5    ALA A CA  1 
ATOM   51 C  C   . ALA A 1 5 ? -5.033 -4.068 -1.571 1.00 4.58  ? 5    ALA A C   1 
ATOM   52 O  O   . ALA A 1 5 ? -5.991 -3.537 -0.996 1.00 5.12  ? 5    ALA A O   1 
ATOM   53 C  CB  . ALA A 1 5 ? -3.405 -4.788 0.242  1.00 4.84  ? 5    ALA A CB  1 
ATOM   54 N  N   . MET A 1 6 ? -5.106 -4.827 -2.626 1.00 4.39  ? 6    MET A N   1 
ATOM   55 C  CA  . MET A 1 6 ? -6.347 -5.139 -3.364 1.00 4.74  ? 6    MET A CA  1 
ATOM   56 C  C   . MET A 1 6 ? -6.719 -6.625 -3.243 1.00 4.84  ? 6    MET A C   1 
ATOM   57 O  O   . MET A 1 6 ? -7.931 -6.920 -2.996 1.00 5.69  ? 6    MET A O   1 
ATOM   58 C  CB  . MET A 1 6 ? -6.214 -4.768 -4.852 1.00 5.14  ? 6    MET A CB  1 
ATOM   59 C  CG  . MET A 1 6 ? -6.074 -3.329 -5.142 1.00 5.74  ? 6    MET A CG  1 
ATOM   60 S  SD  . MET A 1 6 ? -7.581 -2.327 -4.858 1.00 6.05  ? 6    MET A SD  1 
ATOM   61 C  CE  . MET A 1 6 ? -6.994 -1.258 -3.541 1.00 7.03  ? 6    MET A CE  1 
ATOM   62 O  OXT . MET A 1 6 ? -5.776 -7.439 -3.426 1.00 5.41  ? 6    MET A OXT 1 
HETATM 63 CU CU  . CU  B 2 . ? 0.225  -0.496 -1.733 1.00 4.03  ? 1007 CU  A CU  1 
HETATM 64 NA NA  . NA  C 3 . ? -9.819 -5.868 -2.073 1.00 5.73  ? 1008 NA  A NA  1 
HETATM 65 NA NA  . NA  D 3 . ? 0.243  8.083  -1.881 1.00 10.25 ? 1009 NA  A NA  1 
HETATM 66 O  O   . HOH E 4 . ? 5.605  3.974  -1.360 0.65 10.10 ? 2001 HOH A O   1 
HETATM 67 O  O   . HOH E 4 . ? -4.516 -7.593 -6.126 1.00 10.38 ? 2002 HOH A O   1 
HETATM 68 O  O   . HOH E 4 . ? 6.125  1.870  4.508  1.00 10.12 ? 2003 HOH A O   1 
HETATM 69 O  O   . HOH E 4 . ? 2.505  -0.164 4.152  1.00 10.42 ? 2004 HOH A O   1 
HETATM 70 O  O   . HOH E 4 . ? -0.463 6.134  1.280  1.00 6.18  ? 2005 HOH A O   1 
HETATM 71 O  O   . HOH E 4 . ? 3.984  4.023  5.320  0.35 4.64  ? 2006 HOH A O   1 
HETATM 72 O  O   . HOH E 4 . ? 3.430  8.081  0.526  1.00 19.32 ? 2007 HOH A O   1 
HETATM 73 O  O   . HOH E 4 . ? 6.260  6.341  0.452  0.72 7.40  ? 2008 HOH A O   1 
HETATM 74 O  O   . HOH E 4 . ? 4.460  6.970  -3.437 1.00 14.05 ? 2009 HOH A O   1 
HETATM 75 O  O   . HOH E 4 . ? 1.656  8.049  -3.809 1.00 10.52 ? 2010 HOH A O   1 
HETATM 76 O  O   . HOH E 4 . ? -8.707 -4.033 -1.010 1.00 4.84  ? 2011 HOH A O   1 
HETATM 77 O  O   . HOH E 4 . ? -7.184 -9.924 -3.321 1.00 16.50 ? 2012 HOH A O   1 
HETATM 78 O  O   . HOH E 4 . ? -0.966 9.668  -3.652 0.28 5.22  ? 2013 HOH A O   1 
# 
loop_
_atom_site_anisotrop.id 
_atom_site_anisotrop.type_symbol 
_atom_site_anisotrop.pdbx_label_atom_id 
_atom_site_anisotrop.pdbx_label_alt_id 
_atom_site_anisotrop.pdbx_label_comp_id 
_atom_site_anisotrop.pdbx_label_asym_id 
_atom_site_anisotrop.pdbx_label_seq_id 
_atom_site_anisotrop.pdbx_PDB_ins_code 
_atom_site_anisotrop.U[1][1] 
_atom_site_anisotrop.U[2][2] 
_atom_site_anisotrop.U[3][3] 
_atom_site_anisotrop.U[1][2] 
_atom_site_anisotrop.U[1][3] 
_atom_site_anisotrop.U[2][3] 
_atom_site_anisotrop.pdbx_auth_seq_id 
_atom_site_anisotrop.pdbx_auth_comp_id 
_atom_site_anisotrop.pdbx_auth_asym_id 
_atom_site_anisotrop.pdbx_auth_atom_id 
1  C  C   . HM9 A 1 ? 0.0543 0.0448 0.0596 0.0040  0.0069  -0.0089 1    HM9 A C   
2  S  SAE . HM9 A 1 ? 0.0538 0.0523 0.0520 -0.0011 0.0050  -0.0022 1    HM9 A SAE 
3  C  CAC . HM9 A 1 ? 0.0496 0.0550 0.0535 -0.0018 0.0087  -0.0080 1    HM9 A CAC 
4  N  NAB . HM9 A 1 ? 0.0416 0.0521 0.0548 0.0023  0.0129  -0.0062 1    HM9 A NAB 
5  C  CAF . HM9 A 1 ? 0.0477 0.0589 0.0539 -0.0002 0.0037  -0.0081 1    HM9 A CAF 
6  O  OAG . HM9 A 1 ? 0.0446 0.0615 0.0584 0.0006  0.0119  -0.0021 1    HM9 A OAG 
7  N  NAH . HM9 A 1 ? 0.0470 0.0601 0.0541 0.0037  0.0078  -0.0076 1    HM9 A NAH 
8  C  CAI . HM9 A 1 ? 0.0518 0.0553 0.0511 -0.0023 0.0086  -0.0034 1    HM9 A CAI 
9  O  OAJ . HM9 A 1 ? 0.0533 0.0656 0.0538 -0.0005 0.0014  -0.0065 1    HM9 A OAJ 
10 C  CAA . HM9 A 1 ? 0.0506 0.0519 0.0427 -0.0020 0.0096  -0.0095 1    HM9 A CAA 
11 C  CBW . HM9 A 1 ? 0.0536 0.0512 0.0488 0.0042  0.0099  -0.0053 1    HM9 A CBW 
12 C  CBX . HM9 A 1 ? 0.0525 0.0555 0.0468 0.0010  0.0034  -0.0063 1    HM9 A CBX 
13 C  CBY . HM9 A 1 ? 0.0617 0.0554 0.0515 -0.0049 0.0065  0.0028  1    HM9 A CBY 
14 N  NBZ . HM9 A 1 ? 0.0597 0.0599 0.0635 -0.0037 -0.0002 -0.0031 1    HM9 A NBZ 
15 C  CCA . HM9 A 1 ? 0.0545 0.0564 0.0604 -0.0040 0.0044  -0.0069 1    HM9 A CCA 
16 N  NCC . HM9 A 1 ? 0.0763 0.0679 0.0567 -0.0029 0.0014  -0.0060 1    HM9 A NCC 
17 N  NCB . HM9 A 1 ? 0.0729 0.0603 0.0546 -0.0044 0.0017  -0.0080 1    HM9 A NCB 
18 N  N   . ALA A 2 ? 0.0474 0.0626 0.0568 0.0035  0.0084  -0.0056 2    ALA A N   
19 C  CA  . ALA A 2 ? 0.0458 0.0723 0.0630 0.0048  0.0088  0.0037  2    ALA A CA  
20 C  C   . ALA A 2 ? 0.0590 0.0670 0.0596 0.0048  -0.0033 -0.0109 2    ALA A C   
21 O  O   . ALA A 2 ? 0.0830 0.1244 0.0599 0.0254  0.0058  0.0103  2    ALA A O   
22 C  CB  . ALA A 2 ? 0.0456 0.0931 0.0879 -0.0017 0.0081  -0.0029 2    ALA A CB  
23 N  N   . SER A 3 ? 0.0656 0.0583 0.0537 -0.0014 -0.0005 -0.0107 3    SER A N   
24 C  CA  A SER A 3 ? 0.0594 0.0564 0.0709 0.0001  -0.0021 -0.0108 3    SER A CA  
25 C  CA  B SER A 3 ? 0.0610 0.0735 0.0773 0.0046  -0.0027 -0.0266 3    SER A CA  
26 C  C   . SER A 3 ? 0.0590 0.0568 0.0568 -0.0017 0.0058  -0.0082 3    SER A C   
27 O  O   . SER A 3 ? 0.0661 0.0620 0.0727 -0.0016 0.0059  -0.0196 3    SER A O   
28 C  CB  A SER A 3 ? 0.0694 0.0628 0.1549 0.0024  -0.0096 -0.0488 3    SER A CB  
29 C  CB  B SER A 3 ? 0.0611 0.0689 0.1235 0.0131  -0.0183 -0.0385 3    SER A CB  
30 O  OG  A SER A 3 ? 0.0651 0.1084 0.1231 -0.0043 -0.0196 -0.0385 3    SER A OG  
31 O  OG  B SER A 3 ? 0.0865 0.1073 0.1525 -0.0356 -0.0069 -0.0067 3    SER A OG  
32 N  N   . HM8 A 4 ? 0.0484 0.0533 0.0510 0.0020  0.0135  -0.0072 4    HM8 A N   
33 C  CA  . HM8 A 4 ? 0.0520 0.0579 0.0567 -0.0033 0.0049  -0.0084 4    HM8 A CA  
34 C  CAV . HM8 A 4 ? 0.0547 0.0490 0.0602 -0.0024 0.0093  -0.0144 4    HM8 A CAV 
35 C  CAW . HM8 A 4 ? 0.0548 0.0597 0.0648 -0.0122 0.0055  -0.0038 4    HM8 A CAW 
36 O  OBW . HM8 A 4 ? 0.0631 0.0515 0.0775 -0.0057 -0.0062 -0.0034 4    HM8 A OBW 
37 S  SBV . HM8 A 4 ? 0.0633 0.0771 0.0970 -0.0206 -0.0131 0.0220  4    HM8 A SBV 
38 O  OBZ . HM8 A 4 ? 0.1353 0.0869 0.1480 -0.0660 -0.0520 0.0334  4    HM8 A OBZ 
39 O  OBY . HM8 A 4 ? 0.0551 0.1001 0.0916 -0.0038 0.0059  0.0235  4    HM8 A OBY 
40 O  OBX . HM8 A 4 ? 0.0508 0.1188 0.1239 -0.0188 -0.0118 0.0372  4    HM8 A OBX 
41 C  CAZ . HM8 A 4 ? 0.0409 0.0511 0.0644 0.0098  0.0119  -0.0096 4    HM8 A CAZ 
42 N  NBA . HM8 A 4 ? 0.0528 0.0488 0.0563 -0.0052 0.0081  -0.0034 4    HM8 A NBA 
43 O  OBB . HM8 A 4 ? 0.0543 0.0599 0.0673 -0.0015 0.0200  -0.0188 4    HM8 A OBB 
44 C  CBC . HM8 A 4 ? 0.0583 0.0460 0.0766 0.0015  0.0205  -0.0079 4    HM8 A CBC 
45 O  OBD . HM8 A 4 ? 0.0735 0.0778 0.1086 -0.0174 0.0435  -0.0247 4    HM8 A OBD 
46 C  CAB . HM8 A 4 ? 0.0591 0.0597 0.0474 -0.0112 0.0192  -0.0127 4    HM8 A CAB 
47 C  C   . HM8 A 4 ? 0.0529 0.0533 0.0452 -0.0029 0.0051  -0.0066 4    HM8 A C   
48 S  SBG . HM8 A 4 ? 0.0497 0.0498 0.0504 -0.0034 0.0097  -0.0061 4    HM8 A SBG 
49 N  N   . ALA A 5 ? 0.0562 0.0594 0.0835 -0.0073 0.0187  -0.0200 5    ALA A N   
50 C  CA  . ALA A 5 ? 0.0483 0.0501 0.0732 -0.0037 0.0092  -0.0198 5    ALA A CA  
51 C  C   . ALA A 5 ? 0.0466 0.0617 0.0657 -0.0055 0.0090  -0.0046 5    ALA A C   
52 O  O   . ALA A 5 ? 0.0494 0.0698 0.0753 0.0015  0.0097  -0.0179 5    ALA A O   
53 C  CB  . ALA A 5 ? 0.0539 0.0591 0.0708 -0.0005 0.0060  -0.0114 5    ALA A CB  
54 N  N   . MET A 6 ? 0.0466 0.0521 0.0683 0.0035  0.0064  -0.0063 6    MET A N   
55 C  CA  . MET A 6 ? 0.0420 0.0669 0.0713 -0.0001 0.0104  -0.0086 6    MET A CA  
56 C  C   . MET A 6 ? 0.0527 0.0660 0.0652 0.0003  0.0032  -0.0078 6    MET A C   
57 O  O   . MET A 6 ? 0.0507 0.0677 0.0977 -0.0018 0.0060  -0.0100 6    MET A O   
58 C  CB  . MET A 6 ? 0.0690 0.0680 0.0583 -0.0009 0.0070  -0.0127 6    MET A CB  
59 C  CG  . MET A 6 ? 0.0728 0.0721 0.0731 -0.0004 0.0114  -0.0063 6    MET A CG  
60 S  SD  . MET A 6 ? 0.0715 0.0666 0.0917 0.0064  -0.0003 -0.0008 6    MET A SD  
61 C  CE  . MET A 6 ? 0.1048 0.0619 0.1002 0.0038  0.0086  -0.0099 6    MET A CE  
62 O  OXT . MET A 6 ? 0.0586 0.0588 0.0879 0.0050  -0.0135 -0.0073 6    MET A OXT 
63 CU CU  . CU  B . ? 0.0491 0.0504 0.0535 -0.0031 0.0124  -0.0063 1007 CU  A CU  
64 NA NA  . NA  C . ? 0.0596 0.0715 0.0868 0.0009  0.0015  -0.0029 1008 NA  A NA  
65 NA NA  . NA  D . ? 0.1213 0.1255 0.1425 -0.0038 0.0149  -0.0314 1009 NA  A NA  
66 O  O   . HOH E . ? 0.0648 0.2071 0.1117 0.0042  0.0133  -0.0539 2001 HOH A O   
67 O  O   . HOH E . ? 0.0935 0.1397 0.1612 0.0400  -0.0094 -0.0445 2002 HOH A O   
68 O  O   . HOH E . ? 0.1638 0.1316 0.0892 -0.0266 -0.0125 -0.0085 2003 HOH A O   
69 O  O   . HOH E . ? 0.0844 0.1726 0.1390 -0.0028 -0.0033 0.0476  2004 HOH A O   
70 O  O   . HOH E . ? 0.0698 0.0720 0.0930 -0.0069 -0.0112 -0.0094 2005 HOH A O   
71 O  O   . HOH E . ? 0.0563 0.0491 0.0708 -0.0018 0.0223  -0.0252 2006 HOH A O   
72 O  O   . HOH E . ? 0.1373 0.3127 0.2839 0.0146  -0.0104 0.0943  2007 HOH A O   
73 O  O   . HOH E . ? 0.0644 0.1232 0.0938 0.0209  0.0040  -0.0435 2008 HOH A O   
74 O  O   . HOH E . ? 0.1496 0.1268 0.2575 -0.0302 0.0926  -0.0813 2009 HOH A O   
75 O  O   . HOH E . ? 0.1410 0.1580 0.1006 -0.0633 0.0193  -0.0241 2010 HOH A O   
76 O  O   . HOH E . ? 0.0542 0.0623 0.0672 0.0077  0.0094  -0.0022 2011 HOH A O   
77 O  O   . HOH E . ? 0.3646 0.1293 0.1330 -0.1016 -0.0969 0.0077  2012 HOH A O   
78 O  O   . HOH E . ? 0.0816 0.0491 0.0678 0.0136  0.0041  -0.0051 2013 HOH A O   
# 
